data_3AAI
#
_entry.id   3AAI
#
_cell.length_a   63.198
_cell.length_b   63.198
_cell.length_c   81.033
_cell.angle_alpha   90.00
_cell.angle_beta   90.00
_cell.angle_gamma   120.00
#
_symmetry.space_group_name_H-M   'P 32'
#
loop_
_entity.id
_entity.type
_entity.pdbx_description
1 polymer 'Copper homeostasis operon regulatory protein'
2 water water
#
_entity_poly.entity_id   1
_entity_poly.type   'polypeptide(L)'
_entity_poly.pdbx_seq_one_letter_code
;(MSE)PHSHLHLDPKVREEARRRLLSAKGHLEGILR(MSE)LEDEKVYCVDVLKQLKAVEGALDRVGE(MSE)VLRAHLK
DHVATAHERGDVEEIVEEL(MSE)EALKYR
;
_entity_poly.pdbx_strand_id   A,B,C,D
#
# COMPACT_ATOMS: atom_id res chain seq x y z
N HIS A 7 -26.98 4.87 -7.76
CA HIS A 7 -26.69 4.34 -6.40
C HIS A 7 -26.08 2.94 -6.44
N LEU A 8 -25.35 2.60 -5.38
CA LEU A 8 -24.72 1.28 -5.28
C LEU A 8 -25.78 0.20 -5.41
N ASP A 9 -25.50 -0.79 -6.24
CA ASP A 9 -26.40 -1.91 -6.47
C ASP A 9 -26.91 -2.49 -5.15
N PRO A 10 -28.23 -2.73 -5.04
CA PRO A 10 -28.81 -3.28 -3.81
C PRO A 10 -28.18 -4.61 -3.39
N LYS A 11 -27.88 -5.47 -4.36
CA LYS A 11 -27.28 -6.77 -4.07
C LYS A 11 -25.84 -6.60 -3.58
N VAL A 12 -25.18 -5.54 -4.03
CA VAL A 12 -23.81 -5.28 -3.62
C VAL A 12 -23.83 -4.74 -2.20
N ARG A 13 -24.78 -3.85 -1.90
CA ARG A 13 -24.89 -3.30 -0.56
C ARG A 13 -25.07 -4.44 0.43
N GLU A 14 -25.93 -5.40 0.05
CA GLU A 14 -26.23 -6.56 0.89
C GLU A 14 -25.01 -7.41 1.14
N GLU A 15 -24.30 -7.76 0.07
CA GLU A 15 -23.10 -8.59 0.22
C GLU A 15 -22.05 -7.83 1.03
N ALA A 16 -21.96 -6.52 0.79
CA ALA A 16 -21.00 -5.67 1.50
C ALA A 16 -21.30 -5.65 3.00
N ARG A 17 -22.58 -5.60 3.38
CA ARG A 17 -22.94 -5.58 4.78
C ARG A 17 -22.56 -6.88 5.47
N ARG A 18 -22.82 -7.99 4.80
CA ARG A 18 -22.51 -9.29 5.35
C ARG A 18 -21.00 -9.43 5.54
N ARG A 19 -20.23 -9.02 4.54
CA ARG A 19 -18.79 -9.13 4.63
C ARG A 19 -18.22 -8.18 5.69
N LEU A 20 -18.80 -7.00 5.81
CA LEU A 20 -18.30 -6.05 6.79
C LEU A 20 -18.71 -6.40 8.20
N LEU A 21 -19.81 -7.13 8.34
CA LEU A 21 -20.29 -7.55 9.65
C LEU A 21 -19.25 -8.54 10.22
N SER A 22 -18.77 -9.45 9.38
CA SER A 22 -17.77 -10.41 9.81
C SER A 22 -16.46 -9.68 10.09
N ALA A 23 -16.10 -8.75 9.22
CA ALA A 23 -14.87 -7.97 9.41
C ALA A 23 -14.92 -7.31 10.78
N LYS A 24 -16.08 -6.73 11.12
CA LYS A 24 -16.24 -6.07 12.41
C LYS A 24 -16.10 -7.10 13.55
N GLY A 25 -16.69 -8.28 13.36
CA GLY A 25 -16.56 -9.32 14.37
C GLY A 25 -15.09 -9.68 14.56
N HIS A 26 -14.35 -9.74 13.45
CA HIS A 26 -12.91 -10.05 13.48
C HIS A 26 -12.19 -8.93 14.23
N LEU A 27 -12.58 -7.70 13.95
CA LEU A 27 -11.96 -6.54 14.59
C LEU A 27 -12.11 -6.60 16.10
N GLU A 28 -13.26 -7.04 16.59
CA GLU A 28 -13.47 -7.15 18.03
C GLU A 28 -12.56 -8.21 18.63
N GLY A 29 -12.20 -9.20 17.81
CA GLY A 29 -11.30 -10.25 18.29
C GLY A 29 -9.93 -9.65 18.55
N ILE A 30 -9.51 -8.71 17.71
CA ILE A 30 -8.20 -8.09 17.90
C ILE A 30 -8.25 -7.24 19.16
N LEU A 31 -9.41 -6.64 19.39
CA LEU A 31 -9.65 -5.82 20.56
C LEU A 31 -9.50 -6.67 21.82
N ARG A 32 -10.04 -7.89 21.79
CA ARG A 32 -9.95 -8.78 22.96
C ARG A 32 -8.50 -9.19 23.20
N MSE A 33 -7.78 -9.44 22.11
CA MSE A 33 -6.37 -9.83 22.21
C MSE A 33 -5.57 -8.74 22.92
O MSE A 33 -4.74 -9.04 23.78
CB MSE A 33 -5.78 -10.03 20.80
CG MSE A 33 -6.35 -11.24 20.06
SE MSE A 33 -5.73 -11.33 18.25
CE MSE A 33 -4.00 -12.17 18.56
N LEU A 34 -5.82 -7.49 22.57
CA LEU A 34 -5.11 -6.37 23.19
C LEU A 34 -5.56 -6.13 24.62
N GLU A 35 -6.82 -6.40 24.92
CA GLU A 35 -7.31 -6.20 26.28
C GLU A 35 -6.73 -7.26 27.21
N ASP A 36 -5.82 -8.05 26.66
CA ASP A 36 -5.14 -9.08 27.43
C ASP A 36 -3.76 -8.52 27.74
N GLU A 37 -3.35 -8.62 28.99
CA GLU A 37 -2.05 -8.10 29.40
C GLU A 37 -0.92 -8.74 28.61
N LYS A 38 -1.04 -10.03 28.32
CA LYS A 38 -0.03 -10.74 27.55
C LYS A 38 -0.49 -10.76 26.09
N VAL A 39 0.37 -10.27 25.20
CA VAL A 39 0.02 -10.20 23.78
C VAL A 39 1.08 -10.76 22.82
N TYR A 40 0.61 -11.45 21.78
CA TYR A 40 1.48 -12.01 20.77
C TYR A 40 1.52 -11.03 19.60
N CYS A 41 2.45 -10.08 19.66
CA CYS A 41 2.61 -9.05 18.64
C CYS A 41 2.47 -9.53 17.20
N VAL A 42 3.17 -10.60 16.86
CA VAL A 42 3.12 -11.14 15.52
C VAL A 42 1.73 -11.62 15.12
N ASP A 43 1.01 -12.24 16.05
CA ASP A 43 -0.33 -12.71 15.74
C ASP A 43 -1.25 -11.51 15.55
N VAL A 44 -1.07 -10.49 16.38
CA VAL A 44 -1.86 -9.28 16.28
C VAL A 44 -1.62 -8.61 14.92
N LEU A 45 -0.36 -8.58 14.49
CA LEU A 45 -0.03 -7.98 13.19
C LEU A 45 -0.70 -8.78 12.08
N LYS A 46 -0.70 -10.10 12.22
CA LYS A 46 -1.34 -10.96 11.23
C LYS A 46 -2.85 -10.79 11.22
N GLN A 47 -3.46 -10.66 12.39
CA GLN A 47 -4.91 -10.49 12.45
C GLN A 47 -5.28 -9.17 11.77
N LEU A 48 -4.52 -8.11 12.07
CA LEU A 48 -4.77 -6.81 11.48
C LEU A 48 -4.70 -6.85 9.96
N LYS A 49 -3.67 -7.52 9.45
CA LYS A 49 -3.50 -7.63 8.02
C LYS A 49 -4.64 -8.43 7.41
N ALA A 50 -5.15 -9.39 8.18
CA ALA A 50 -6.25 -10.23 7.73
C ALA A 50 -7.52 -9.38 7.62
N VAL A 51 -7.77 -8.55 8.63
CA VAL A 51 -8.92 -7.67 8.62
C VAL A 51 -8.77 -6.67 7.47
N GLU A 52 -7.57 -6.16 7.27
CA GLU A 52 -7.31 -5.21 6.19
C GLU A 52 -7.63 -5.88 4.86
N GLY A 53 -7.31 -7.17 4.75
CA GLY A 53 -7.59 -7.89 3.53
C GLY A 53 -9.08 -8.05 3.26
N ALA A 54 -9.85 -8.32 4.31
CA ALA A 54 -11.28 -8.47 4.15
C ALA A 54 -11.91 -7.14 3.70
N LEU A 55 -11.40 -6.03 4.23
CA LEU A 55 -11.90 -4.71 3.87
C LEU A 55 -11.58 -4.44 2.41
N ASP A 56 -10.37 -4.78 2.00
CA ASP A 56 -9.92 -4.63 0.62
C ASP A 56 -10.83 -5.39 -0.35
N ARG A 57 -11.20 -6.61 0.01
CA ARG A 57 -12.07 -7.41 -0.85
C ARG A 57 -13.45 -6.77 -1.02
N VAL A 58 -13.93 -6.10 0.02
CA VAL A 58 -15.22 -5.44 -0.08
C VAL A 58 -15.05 -4.21 -0.97
N GLY A 59 -13.98 -3.46 -0.77
CA GLY A 59 -13.74 -2.28 -1.59
C GLY A 59 -13.61 -2.70 -3.05
N GLU A 60 -13.00 -3.86 -3.26
CA GLU A 60 -12.81 -4.40 -4.59
C GLU A 60 -14.14 -4.69 -5.25
N MSE A 61 -15.03 -5.33 -4.51
CA MSE A 61 -16.36 -5.67 -5.01
C MSE A 61 -17.15 -4.41 -5.38
O MSE A 61 -17.74 -4.34 -6.45
CB MSE A 61 -17.13 -6.45 -3.96
CG MSE A 61 -18.63 -6.44 -4.14
SE MSE A 61 -19.47 -7.42 -2.73
CE MSE A 61 -19.54 -9.13 -3.63
N VAL A 62 -17.14 -3.43 -4.48
CA VAL A 62 -17.85 -2.19 -4.72
C VAL A 62 -17.26 -1.44 -5.91
N LEU A 63 -15.94 -1.40 -6.02
CA LEU A 63 -15.30 -0.73 -7.15
C LEU A 63 -15.73 -1.39 -8.46
N ARG A 64 -15.60 -2.72 -8.52
CA ARG A 64 -15.95 -3.49 -9.72
C ARG A 64 -17.37 -3.17 -10.21
N ALA A 65 -18.36 -3.23 -9.32
CA ALA A 65 -19.73 -2.94 -9.71
C ALA A 65 -19.83 -1.51 -10.23
N HIS A 66 -19.16 -0.59 -9.54
CA HIS A 66 -19.13 0.82 -9.91
C HIS A 66 -18.58 0.94 -11.33
N LEU A 67 -17.53 0.19 -11.64
CA LEU A 67 -16.92 0.24 -12.96
C LEU A 67 -17.76 -0.42 -14.05
N LYS A 68 -18.27 -1.63 -13.78
CA LYS A 68 -19.09 -2.33 -14.75
C LYS A 68 -20.21 -1.43 -15.25
N ASP A 69 -20.69 -0.58 -14.35
CA ASP A 69 -21.77 0.35 -14.65
C ASP A 69 -21.34 1.42 -15.65
N HIS A 70 -20.15 1.99 -15.44
CA HIS A 70 -19.63 3.03 -16.32
C HIS A 70 -18.81 2.47 -17.48
N ASP A 79 -21.31 12.49 -17.30
CA ASP A 79 -20.31 13.38 -16.71
C ASP A 79 -19.00 12.65 -16.45
N VAL A 80 -18.31 12.27 -17.52
CA VAL A 80 -17.04 11.56 -17.41
C VAL A 80 -16.09 12.27 -16.44
N GLU A 81 -15.78 13.52 -16.74
CA GLU A 81 -14.88 14.32 -15.93
C GLU A 81 -15.17 14.18 -14.43
N GLU A 82 -16.40 14.52 -14.04
CA GLU A 82 -16.80 14.43 -12.64
C GLU A 82 -16.72 13.00 -12.09
N ILE A 83 -17.16 12.03 -12.88
CA ILE A 83 -17.12 10.63 -12.46
C ILE A 83 -15.70 10.22 -12.06
N VAL A 84 -14.76 10.38 -13.00
CA VAL A 84 -13.38 10.01 -12.75
C VAL A 84 -12.76 10.80 -11.59
N GLU A 85 -13.07 12.09 -11.50
CA GLU A 85 -12.55 12.94 -10.44
C GLU A 85 -12.91 12.38 -9.07
N GLU A 86 -14.17 12.01 -8.90
CA GLU A 86 -14.64 11.47 -7.63
C GLU A 86 -13.97 10.13 -7.31
N LEU A 87 -13.96 9.24 -8.30
CA LEU A 87 -13.34 7.93 -8.13
C LEU A 87 -11.88 8.04 -7.68
N MSE A 88 -11.07 8.76 -8.45
CA MSE A 88 -9.66 8.93 -8.12
C MSE A 88 -9.54 9.51 -6.72
O MSE A 88 -8.59 9.21 -5.99
CB MSE A 88 -9.00 9.88 -9.13
CG MSE A 88 -9.00 9.38 -10.57
SE MSE A 88 -8.01 7.72 -10.82
CE MSE A 88 -6.21 8.46 -10.84
N GLU A 89 -10.52 10.33 -6.35
CA GLU A 89 -10.55 10.95 -5.04
C GLU A 89 -10.76 9.87 -3.98
N ALA A 90 -11.64 8.92 -4.29
CA ALA A 90 -11.94 7.83 -3.36
C ALA A 90 -10.73 6.90 -3.32
N LEU A 91 -10.25 6.51 -4.50
CA LEU A 91 -9.09 5.63 -4.59
C LEU A 91 -7.93 6.37 -3.94
N LYS A 92 -8.04 7.70 -3.93
CA LYS A 92 -7.04 8.59 -3.34
C LYS A 92 -5.69 8.47 -4.02
N HIS B 5 3.14 -13.42 24.74
CA HIS B 5 4.60 -13.44 24.42
C HIS B 5 5.26 -12.15 24.89
N LEU B 6 4.46 -11.09 25.00
CA LEU B 6 4.95 -9.80 25.46
C LEU B 6 3.94 -9.07 26.34
N HIS B 7 4.42 -8.53 27.46
CA HIS B 7 3.55 -7.79 28.36
C HIS B 7 3.58 -6.33 27.91
N LEU B 8 2.81 -6.04 26.88
CA LEU B 8 2.72 -4.71 26.28
C LEU B 8 2.46 -3.61 27.32
N ASP B 9 3.13 -2.47 27.12
CA ASP B 9 2.97 -1.32 28.01
C ASP B 9 1.49 -0.90 28.03
N PRO B 10 0.86 -0.89 29.22
CA PRO B 10 -0.54 -0.49 29.33
C PRO B 10 -0.84 0.77 28.51
N LYS B 11 0.14 1.67 28.47
CA LYS B 11 0.06 2.91 27.73
C LYS B 11 -0.20 2.64 26.24
N VAL B 12 0.59 1.75 25.66
CA VAL B 12 0.45 1.40 24.26
C VAL B 12 -0.84 0.60 24.05
N ARG B 13 -1.05 -0.35 24.96
CA ARG B 13 -2.22 -1.20 24.93
C ARG B 13 -3.51 -0.39 24.91
N GLU B 14 -3.64 0.53 25.87
CA GLU B 14 -4.83 1.36 25.94
C GLU B 14 -4.96 2.28 24.74
N GLU B 15 -3.83 2.67 24.16
CA GLU B 15 -3.84 3.55 23.00
C GLU B 15 -4.29 2.77 21.76
N ALA B 16 -3.78 1.56 21.61
CA ALA B 16 -4.16 0.73 20.46
C ALA B 16 -5.63 0.33 20.60
N ARG B 17 -6.05 0.10 21.84
CA ARG B 17 -7.43 -0.29 22.16
C ARG B 17 -8.38 0.84 21.77
N ARG B 18 -8.02 2.06 22.15
CA ARG B 18 -8.84 3.23 21.87
C ARG B 18 -9.01 3.41 20.35
N ARG B 19 -7.90 3.33 19.62
CA ARG B 19 -7.93 3.48 18.18
C ARG B 19 -8.73 2.38 17.47
N LEU B 20 -8.69 1.16 18.01
CA LEU B 20 -9.44 0.06 17.42
C LEU B 20 -10.92 0.24 17.72
N LEU B 21 -11.22 0.73 18.92
CA LEU B 21 -12.59 0.97 19.30
C LEU B 21 -13.20 1.98 18.35
N SER B 22 -12.42 3.00 18.00
CA SER B 22 -12.89 4.02 17.08
C SER B 22 -13.03 3.42 15.69
N ALA B 23 -12.09 2.57 15.31
CA ALA B 23 -12.12 1.90 14.02
C ALA B 23 -13.39 1.06 13.94
N LYS B 24 -13.68 0.33 15.00
CA LYS B 24 -14.87 -0.50 15.06
C LYS B 24 -16.11 0.38 14.99
N GLY B 25 -16.07 1.51 15.70
CA GLY B 25 -17.19 2.43 15.69
C GLY B 25 -17.44 2.94 14.29
N HIS B 26 -16.35 3.23 13.58
CA HIS B 26 -16.43 3.71 12.22
C HIS B 26 -16.96 2.62 11.27
N LEU B 27 -16.60 1.37 11.52
CA LEU B 27 -17.06 0.28 10.66
C LEU B 27 -18.55 0.03 10.86
N GLU B 28 -19.02 0.21 12.09
CA GLU B 28 -20.44 0.01 12.40
C GLU B 28 -21.23 1.14 11.75
N GLY B 29 -20.57 2.27 11.51
CA GLY B 29 -21.22 3.40 10.88
C GLY B 29 -21.42 3.08 9.41
N ILE B 30 -20.42 2.47 8.79
CA ILE B 30 -20.49 2.11 7.39
C ILE B 30 -21.61 1.08 7.20
N LEU B 31 -21.66 0.12 8.12
CA LEU B 31 -22.68 -0.93 8.09
C LEU B 31 -24.08 -0.31 8.16
N ARG B 32 -24.23 0.74 8.95
CA ARG B 32 -25.53 1.40 9.07
C ARG B 32 -25.83 2.14 7.77
N MSE B 33 -24.83 2.83 7.23
CA MSE B 33 -24.99 3.57 5.99
C MSE B 33 -25.40 2.65 4.87
O MSE B 33 -26.17 3.03 3.98
CB MSE B 33 -23.69 4.30 5.60
CG MSE B 33 -23.75 4.95 4.22
SE MSE B 33 -22.22 6.10 3.75
CE MSE B 33 -20.81 4.80 3.99
N LEU B 34 -24.89 1.43 4.89
CA LEU B 34 -25.22 0.46 3.87
C LEU B 34 -26.68 0.02 3.99
N GLU B 35 -27.36 0.50 5.01
CA GLU B 35 -28.77 0.16 5.18
C GLU B 35 -29.62 1.19 4.44
N ASP B 36 -29.02 2.34 4.15
CA ASP B 36 -29.73 3.39 3.42
C ASP B 36 -29.79 3.00 1.95
N GLU B 37 -30.73 3.60 1.22
CA GLU B 37 -30.91 3.29 -0.19
C GLU B 37 -30.12 4.17 -1.16
N LYS B 38 -29.75 5.37 -0.73
CA LYS B 38 -29.00 6.28 -1.60
C LYS B 38 -27.51 6.37 -1.30
N VAL B 39 -26.91 5.27 -0.85
CA VAL B 39 -25.48 5.26 -0.55
C VAL B 39 -24.66 5.29 -1.84
N TYR B 40 -23.61 6.10 -1.86
CA TYR B 40 -22.75 6.22 -3.04
C TYR B 40 -21.52 5.33 -2.94
N CYS B 41 -21.15 4.72 -4.05
CA CYS B 41 -19.99 3.83 -4.09
C CYS B 41 -18.72 4.48 -3.55
N VAL B 42 -18.44 5.70 -3.99
CA VAL B 42 -17.26 6.44 -3.56
C VAL B 42 -17.19 6.67 -2.06
N ASP B 43 -18.33 6.90 -1.42
CA ASP B 43 -18.35 7.13 0.02
C ASP B 43 -17.93 5.87 0.77
N VAL B 44 -18.44 4.72 0.32
CA VAL B 44 -18.09 3.46 0.93
C VAL B 44 -16.59 3.26 0.79
N LEU B 45 -16.06 3.44 -0.42
CA LEU B 45 -14.64 3.26 -0.66
C LEU B 45 -13.79 4.19 0.18
N LYS B 46 -14.24 5.43 0.33
CA LYS B 46 -13.50 6.40 1.13
C LYS B 46 -13.48 6.04 2.60
N GLN B 47 -14.64 5.69 3.13
CA GLN B 47 -14.74 5.33 4.54
C GLN B 47 -14.00 4.04 4.84
N LEU B 48 -14.01 3.11 3.89
CA LEU B 48 -13.29 1.86 4.09
C LEU B 48 -11.80 2.19 4.18
N LYS B 49 -11.35 3.10 3.32
CA LYS B 49 -9.96 3.52 3.32
C LYS B 49 -9.60 4.12 4.67
N ALA B 50 -10.57 4.79 5.30
CA ALA B 50 -10.34 5.42 6.61
C ALA B 50 -10.17 4.37 7.69
N VAL B 51 -10.99 3.33 7.65
CA VAL B 51 -10.88 2.26 8.63
C VAL B 51 -9.50 1.61 8.47
N GLU B 52 -9.09 1.40 7.23
CA GLU B 52 -7.80 0.78 6.96
C GLU B 52 -6.67 1.65 7.49
N GLY B 53 -6.79 2.95 7.32
CA GLY B 53 -5.78 3.87 7.80
C GLY B 53 -5.59 3.77 9.30
N ALA B 54 -6.69 3.59 10.02
CA ALA B 54 -6.64 3.48 11.47
C ALA B 54 -6.01 2.14 11.89
N LEU B 55 -6.26 1.09 11.12
CA LEU B 55 -5.70 -0.22 11.44
C LEU B 55 -4.19 -0.17 11.23
N ASP B 56 -3.75 0.56 10.22
CA ASP B 56 -2.33 0.71 9.93
C ASP B 56 -1.62 1.37 11.11
N ARG B 57 -2.26 2.35 11.73
CA ARG B 57 -1.69 3.06 12.88
C ARG B 57 -1.49 2.13 14.07
N VAL B 58 -2.46 1.24 14.32
CA VAL B 58 -2.35 0.30 15.43
C VAL B 58 -1.26 -0.71 15.15
N GLY B 59 -1.11 -1.08 13.88
CA GLY B 59 -0.08 -2.03 13.51
C GLY B 59 1.30 -1.42 13.70
N GLU B 60 1.44 -0.15 13.30
CA GLU B 60 2.71 0.54 13.45
C GLU B 60 3.07 0.61 14.93
N MSE B 61 2.04 0.66 15.78
CA MSE B 61 2.23 0.71 17.23
C MSE B 61 2.66 -0.64 17.75
O MSE B 61 3.54 -0.75 18.61
CB MSE B 61 0.91 1.07 17.93
CG MSE B 61 0.44 2.48 17.77
SE MSE B 61 -1.13 2.72 18.89
CE MSE B 61 -0.25 2.68 20.60
N VAL B 62 2.01 -1.69 17.24
CA VAL B 62 2.32 -3.05 17.64
C VAL B 62 3.71 -3.44 17.12
N LEU B 63 4.03 -3.01 15.91
CA LEU B 63 5.33 -3.33 15.32
C LEU B 63 6.45 -2.63 16.10
N ARG B 64 6.26 -1.35 16.40
CA ARG B 64 7.26 -0.60 17.14
C ARG B 64 7.56 -1.28 18.46
N ALA B 65 6.51 -1.74 19.15
CA ALA B 65 6.67 -2.43 20.43
C ALA B 65 7.37 -3.78 20.25
N HIS B 66 7.01 -4.48 19.19
CA HIS B 66 7.62 -5.76 18.90
C HIS B 66 9.10 -5.59 18.62
N LEU B 67 9.44 -4.60 17.79
CA LEU B 67 10.82 -4.33 17.43
C LEU B 67 11.70 -3.96 18.62
N LYS B 68 11.26 -2.95 19.38
CA LYS B 68 12.02 -2.52 20.56
C LYS B 68 12.37 -3.72 21.43
N ASP B 69 11.41 -4.61 21.62
CA ASP B 69 11.63 -5.81 22.42
C ASP B 69 12.75 -6.66 21.87
N HIS B 70 12.56 -7.20 20.66
CA HIS B 70 13.54 -8.07 20.02
C HIS B 70 14.88 -7.42 19.65
N VAL B 71 14.92 -6.10 19.57
CA VAL B 71 16.18 -5.44 19.27
C VAL B 71 17.00 -5.50 20.56
N ALA B 72 16.32 -5.31 21.68
CA ALA B 72 16.95 -5.33 22.99
C ALA B 72 17.66 -6.66 23.25
N ILE B 83 12.19 -15.74 13.78
CA ILE B 83 12.00 -14.40 14.32
C ILE B 83 11.86 -13.41 13.17
N VAL B 84 12.98 -13.10 12.52
CA VAL B 84 12.97 -12.21 11.37
C VAL B 84 12.04 -12.78 10.32
N GLU B 85 12.10 -14.10 10.15
CA GLU B 85 11.26 -14.80 9.19
C GLU B 85 9.79 -14.63 9.54
N GLU B 86 9.47 -14.80 10.82
CA GLU B 86 8.11 -14.67 11.29
C GLU B 86 7.64 -13.22 11.11
N LEU B 87 8.51 -12.27 11.42
CA LEU B 87 8.15 -10.85 11.28
C LEU B 87 7.92 -10.51 9.82
N MSE B 88 8.90 -10.84 8.97
CA MSE B 88 8.78 -10.58 7.53
C MSE B 88 7.51 -11.23 7.04
O MSE B 88 6.72 -10.63 6.30
CB MSE B 88 9.98 -11.18 6.79
CG MSE B 88 11.29 -10.49 7.07
SE MSE B 88 11.17 -8.61 6.67
CE MSE B 88 11.14 -8.73 4.76
N GLU B 89 7.32 -12.47 7.46
CA GLU B 89 6.14 -13.24 7.11
C GLU B 89 4.86 -12.43 7.41
N ALA B 90 4.84 -11.77 8.56
CA ALA B 90 3.69 -10.98 8.97
C ALA B 90 3.59 -9.64 8.22
N LEU B 91 4.72 -9.09 7.82
CA LEU B 91 4.70 -7.81 7.11
C LEU B 91 4.27 -7.99 5.65
N HIS C 7 26.60 -0.11 8.86
CA HIS C 7 26.74 -0.15 7.37
C HIS C 7 26.07 -1.38 6.76
N LEU C 8 25.34 -1.16 5.67
CA LEU C 8 24.66 -2.25 4.97
C LEU C 8 25.69 -3.27 4.51
N ASP C 9 25.42 -4.54 4.76
CA ASP C 9 26.34 -5.61 4.36
C ASP C 9 26.79 -5.47 2.91
N PRO C 10 28.10 -5.64 2.65
CA PRO C 10 28.65 -5.54 1.30
C PRO C 10 27.99 -6.50 0.29
N LYS C 11 27.65 -7.69 0.73
CA LYS C 11 27.03 -8.69 -0.15
C LYS C 11 25.62 -8.25 -0.55
N VAL C 12 24.86 -7.74 0.41
CA VAL C 12 23.50 -7.27 0.15
C VAL C 12 23.60 -6.06 -0.75
N ARG C 13 24.61 -5.23 -0.50
CA ARG C 13 24.83 -4.02 -1.28
C ARG C 13 25.04 -4.40 -2.75
N GLU C 14 25.84 -5.45 -2.97
CA GLU C 14 26.12 -5.93 -4.32
C GLU C 14 24.87 -6.50 -4.97
N GLU C 15 24.13 -7.31 -4.23
CA GLU C 15 22.91 -7.91 -4.74
C GLU C 15 21.87 -6.81 -5.03
N ALA C 16 21.81 -5.81 -4.16
CA ALA C 16 20.88 -4.69 -4.34
C ALA C 16 21.21 -3.92 -5.60
N ARG C 17 22.50 -3.74 -5.87
CA ARG C 17 22.96 -3.04 -7.07
C ARG C 17 22.53 -3.77 -8.33
N ARG C 18 22.72 -5.09 -8.33
CA ARG C 18 22.38 -5.92 -9.47
C ARG C 18 20.88 -5.83 -9.75
N ARG C 19 20.09 -5.95 -8.71
CA ARG C 19 18.64 -5.89 -8.85
C ARG C 19 18.12 -4.52 -9.28
N LEU C 20 18.69 -3.45 -8.73
CA LEU C 20 18.22 -2.12 -9.07
C LEU C 20 18.63 -1.73 -10.48
N LEU C 21 19.71 -2.31 -10.96
CA LEU C 21 20.19 -2.02 -12.31
C LEU C 21 19.14 -2.57 -13.29
N SER C 22 18.62 -3.76 -13.00
CA SER C 22 17.60 -4.33 -13.87
C SER C 22 16.31 -3.53 -13.75
N ALA C 23 15.94 -3.16 -12.52
CA ALA C 23 14.74 -2.36 -12.32
C ALA C 23 14.88 -1.05 -13.10
N LYS C 24 16.09 -0.49 -13.12
CA LYS C 24 16.30 0.75 -13.86
C LYS C 24 16.09 0.48 -15.36
N GLY C 25 16.64 -0.62 -15.85
CA GLY C 25 16.44 -0.95 -17.26
C GLY C 25 14.95 -1.12 -17.56
N HIS C 26 14.21 -1.75 -16.64
CA HIS C 26 12.78 -1.96 -16.80
C HIS C 26 12.08 -0.60 -16.87
N LEU C 27 12.49 0.30 -15.99
CA LEU C 27 11.91 1.64 -15.94
C LEU C 27 12.07 2.37 -17.28
N GLU C 28 13.22 2.19 -17.93
CA GLU C 28 13.44 2.82 -19.23
C GLU C 28 12.50 2.26 -20.28
N GLY C 29 12.10 1.00 -20.08
CA GLY C 29 11.19 0.39 -21.01
C GLY C 29 9.84 1.10 -20.92
N ILE C 30 9.46 1.48 -19.71
CA ILE C 30 8.19 2.17 -19.52
C ILE C 30 8.28 3.54 -20.18
N LEU C 31 9.46 4.17 -20.07
CA LEU C 31 9.71 5.46 -20.67
C LEU C 31 9.52 5.38 -22.19
N ARG C 32 10.05 4.31 -22.79
CA ARG C 32 9.94 4.11 -24.24
C ARG C 32 8.49 3.91 -24.65
N MSE C 33 7.73 3.19 -23.82
CA MSE C 33 6.32 2.95 -24.11
C MSE C 33 5.57 4.27 -24.16
O MSE C 33 4.69 4.46 -25.00
CB MSE C 33 5.71 2.05 -23.02
CG MSE C 33 6.29 0.66 -22.95
SE MSE C 33 5.58 -0.34 -21.44
CE MSE C 33 3.95 -0.99 -22.27
N LEU C 34 5.90 5.17 -23.24
CA LEU C 34 5.24 6.46 -23.18
C LEU C 34 5.67 7.41 -24.31
N GLU C 35 6.93 7.30 -24.72
CA GLU C 35 7.43 8.16 -25.78
C GLU C 35 6.82 7.81 -27.12
N ASP C 36 5.93 6.82 -27.13
CA ASP C 36 5.23 6.44 -28.34
C ASP C 36 3.87 7.14 -28.27
N GLU C 37 3.33 7.51 -29.42
CA GLU C 37 2.05 8.22 -29.44
C GLU C 37 0.91 7.31 -29.00
N LYS C 38 0.95 6.04 -29.42
CA LYS C 38 -0.09 5.09 -29.05
C LYS C 38 0.35 4.33 -27.80
N VAL C 39 -0.49 4.36 -26.77
CA VAL C 39 -0.18 3.72 -25.50
C VAL C 39 -1.24 2.73 -24.99
N TYR C 40 -0.78 1.59 -24.52
CA TYR C 40 -1.66 0.55 -23.97
C TYR C 40 -1.66 0.80 -22.46
N CYS C 41 -2.52 1.72 -22.01
CA CYS C 41 -2.62 2.08 -20.60
C CYS C 41 -2.50 0.95 -19.58
N VAL C 42 -3.25 -0.13 -19.80
CA VAL C 42 -3.21 -1.26 -18.89
C VAL C 42 -1.87 -1.98 -18.91
N ASP C 43 -1.21 -1.99 -20.06
CA ASP C 43 0.11 -2.64 -20.16
C ASP C 43 1.07 -1.79 -19.32
N VAL C 44 0.94 -0.47 -19.44
CA VAL C 44 1.77 0.47 -18.70
C VAL C 44 1.52 0.35 -17.20
N LEU C 45 0.26 0.19 -16.80
CA LEU C 45 -0.05 0.04 -15.37
C LEU C 45 0.60 -1.24 -14.85
N LYS C 46 0.55 -2.29 -15.67
CA LYS C 46 1.14 -3.56 -15.27
C LYS C 46 2.66 -3.48 -15.19
N GLN C 47 3.28 -2.76 -16.12
CA GLN C 47 4.73 -2.64 -16.10
C GLN C 47 5.15 -1.85 -14.86
N LEU C 48 4.38 -0.81 -14.53
CA LEU C 48 4.67 0.02 -13.36
C LEU C 48 4.61 -0.80 -12.08
N LYS C 49 3.59 -1.65 -11.96
CA LYS C 49 3.44 -2.49 -10.79
C LYS C 49 4.59 -3.49 -10.71
N ALA C 50 5.01 -3.98 -11.88
CA ALA C 50 6.11 -4.94 -11.94
C ALA C 50 7.39 -4.29 -11.40
N VAL C 51 7.67 -3.06 -11.82
CA VAL C 51 8.87 -2.36 -11.36
C VAL C 51 8.76 -2.10 -9.86
N GLU C 52 7.56 -1.75 -9.41
CA GLU C 52 7.34 -1.49 -7.98
C GLU C 52 7.59 -2.78 -7.18
N GLY C 53 7.22 -3.91 -7.78
CA GLY C 53 7.42 -5.20 -7.12
C GLY C 53 8.90 -5.53 -6.98
N ALA C 54 9.67 -5.19 -8.01
CA ALA C 54 11.11 -5.44 -7.99
C ALA C 54 11.76 -4.55 -6.93
N LEU C 55 11.26 -3.32 -6.81
CA LEU C 55 11.81 -2.38 -5.84
C LEU C 55 11.50 -2.90 -4.43
N ASP C 56 10.26 -3.35 -4.23
CA ASP C 56 9.83 -3.91 -2.95
C ASP C 56 10.68 -5.12 -2.53
N ARG C 57 11.07 -5.95 -3.49
CA ARG C 57 11.89 -7.13 -3.21
C ARG C 57 13.28 -6.72 -2.69
N VAL C 58 13.81 -5.64 -3.24
CA VAL C 58 15.12 -5.17 -2.81
C VAL C 58 14.97 -4.55 -1.43
N GLY C 59 13.88 -3.81 -1.24
CA GLY C 59 13.63 -3.19 0.05
C GLY C 59 13.49 -4.28 1.09
N GLU C 60 12.88 -5.38 0.68
CA GLU C 60 12.67 -6.54 1.55
C GLU C 60 14.00 -7.16 1.94
N MSE C 61 14.86 -7.34 0.95
CA MSE C 61 16.18 -7.92 1.19
C MSE C 61 17.01 -7.08 2.15
O MSE C 61 17.61 -7.59 3.09
CB MSE C 61 16.92 -8.07 -0.13
CG MSE C 61 18.36 -8.50 0.02
SE MSE C 61 19.20 -8.45 -1.70
CE MSE C 61 19.63 -6.58 -1.75
N VAL C 62 17.04 -5.77 1.92
CA VAL C 62 17.79 -4.88 2.78
C VAL C 62 17.23 -4.85 4.21
N LEU C 63 15.90 -4.84 4.34
CA LEU C 63 15.28 -4.84 5.67
C LEU C 63 15.68 -6.11 6.43
N ARG C 64 15.55 -7.25 5.76
CA ARG C 64 15.88 -8.54 6.35
C ARG C 64 17.30 -8.58 6.92
N ALA C 65 18.28 -8.10 6.15
CA ALA C 65 19.66 -8.09 6.60
C ALA C 65 19.82 -7.11 7.77
N HIS C 66 19.13 -5.98 7.68
CA HIS C 66 19.16 -4.96 8.71
C HIS C 66 18.56 -5.53 10.00
N LEU C 67 17.52 -6.36 9.86
CA LEU C 67 16.87 -6.96 11.02
C LEU C 67 17.70 -8.13 11.58
N LYS C 68 18.11 -9.06 10.73
CA LYS C 68 18.92 -10.19 11.18
C LYS C 68 20.06 -9.65 12.01
N ASP C 69 20.61 -8.53 11.55
CA ASP C 69 21.71 -7.87 12.23
C ASP C 69 21.31 -7.61 13.68
N HIS C 70 20.16 -6.96 13.86
CA HIS C 70 19.64 -6.65 15.19
C HIS C 70 18.80 -7.81 15.72
N VAL C 80 18.68 1.10 21.06
CA VAL C 80 17.39 0.52 20.74
C VAL C 80 16.43 1.58 20.23
N GLU C 81 16.15 2.59 21.06
CA GLU C 81 15.26 3.67 20.71
C GLU C 81 15.61 4.27 19.35
N GLU C 82 16.87 4.65 19.19
CA GLU C 82 17.34 5.24 17.94
C GLU C 82 17.13 4.26 16.78
N ILE C 83 17.55 3.01 17.00
CA ILE C 83 17.41 1.98 15.97
C ILE C 83 15.97 1.95 15.48
N VAL C 84 15.06 1.56 16.37
CA VAL C 84 13.64 1.46 16.05
C VAL C 84 13.09 2.74 15.44
N GLU C 85 13.41 3.87 16.05
CA GLU C 85 12.93 5.17 15.56
C GLU C 85 13.25 5.39 14.09
N GLU C 86 14.51 5.16 13.72
CA GLU C 86 14.95 5.35 12.34
C GLU C 86 14.27 4.38 11.39
N LEU C 87 14.14 3.12 11.81
CA LEU C 87 13.50 2.10 10.98
C LEU C 87 12.06 2.48 10.65
N MSE C 88 11.28 2.75 11.69
CA MSE C 88 9.87 3.13 11.53
C MSE C 88 9.75 4.35 10.63
O MSE C 88 8.80 4.47 9.85
CB MSE C 88 9.24 3.43 12.90
CG MSE C 88 9.19 2.25 13.85
SE MSE C 88 8.14 0.78 13.13
CE MSE C 88 6.40 1.65 13.19
N GLU C 89 10.73 5.24 10.73
CA GLU C 89 10.74 6.45 9.93
C GLU C 89 10.94 6.07 8.46
N ALA C 90 11.81 5.09 8.23
CA ALA C 90 12.09 4.61 6.88
C ALA C 90 10.89 3.84 6.34
N LEU C 91 10.30 3.02 7.19
CA LEU C 91 9.14 2.22 6.80
C LEU C 91 7.93 3.09 6.52
N LYS C 92 7.61 3.97 7.47
CA LYS C 92 6.46 4.86 7.31
C LYS C 92 6.73 5.95 6.28
N HIS D 5 -3.01 1.51 -27.84
CA HIS D 5 -4.48 1.29 -27.77
C HIS D 5 -5.18 2.64 -27.53
N LEU D 6 -4.41 3.61 -27.04
CA LEU D 6 -4.92 4.95 -26.78
C LEU D 6 -3.88 6.02 -27.13
N HIS D 7 -4.33 7.05 -27.84
CA HIS D 7 -3.45 8.15 -28.21
C HIS D 7 -3.55 9.10 -27.03
N LEU D 8 -2.62 8.93 -26.10
CA LEU D 8 -2.55 9.73 -24.88
C LEU D 8 -2.30 11.20 -25.16
N ASP D 9 -2.99 12.07 -24.41
CA ASP D 9 -2.82 13.50 -24.56
C ASP D 9 -1.34 13.84 -24.37
N PRO D 10 -0.71 14.46 -25.37
CA PRO D 10 0.72 14.82 -25.27
C PRO D 10 1.08 15.46 -23.93
N LYS D 11 0.16 16.24 -23.36
CA LYS D 11 0.41 16.91 -22.08
C LYS D 11 0.60 15.91 -20.95
N VAL D 12 -0.26 14.89 -20.90
CA VAL D 12 -0.17 13.87 -19.87
C VAL D 12 1.03 12.99 -20.13
N ARG D 13 1.30 12.76 -21.42
CA ARG D 13 2.41 11.94 -21.85
C ARG D 13 3.73 12.59 -21.44
N GLU D 14 3.91 13.84 -21.84
CA GLU D 14 5.12 14.56 -21.51
C GLU D 14 5.28 14.68 -20.00
N GLU D 15 4.15 14.82 -19.29
CA GLU D 15 4.17 14.95 -17.84
C GLU D 15 4.62 13.63 -17.21
N ALA D 16 4.08 12.53 -17.73
CA ALA D 16 4.43 11.20 -17.22
C ALA D 16 5.89 10.87 -17.56
N ARG D 17 6.34 11.28 -18.73
CA ARG D 17 7.72 11.04 -19.15
C ARG D 17 8.69 11.82 -18.27
N ARG D 18 8.27 12.99 -17.81
CA ARG D 18 9.12 13.83 -16.95
C ARG D 18 9.27 13.20 -15.57
N ARG D 19 8.16 12.74 -15.01
CA ARG D 19 8.18 12.12 -13.69
C ARG D 19 8.95 10.80 -13.66
N LEU D 20 8.92 10.04 -14.76
CA LEU D 20 9.65 8.77 -14.83
C LEU D 20 11.14 9.04 -15.01
N LEU D 21 11.48 10.05 -15.82
CA LEU D 21 12.87 10.41 -16.04
C LEU D 21 13.46 10.80 -14.70
N SER D 22 12.65 11.49 -13.90
CA SER D 22 13.07 11.91 -12.57
C SER D 22 13.26 10.66 -11.71
N ALA D 23 12.28 9.75 -11.78
CA ALA D 23 12.33 8.51 -11.01
C ALA D 23 13.59 7.73 -11.40
N LYS D 24 13.84 7.67 -12.70
CA LYS D 24 15.02 6.99 -13.25
C LYS D 24 16.30 7.64 -12.75
N GLY D 25 16.35 8.98 -12.81
CA GLY D 25 17.52 9.69 -12.35
C GLY D 25 17.75 9.39 -10.88
N HIS D 26 16.65 9.32 -10.12
CA HIS D 26 16.69 9.04 -8.69
C HIS D 26 17.20 7.61 -8.42
N LEU D 27 16.78 6.66 -9.25
CA LEU D 27 17.22 5.28 -9.08
C LEU D 27 18.71 5.15 -9.40
N GLU D 28 19.18 5.92 -10.37
CA GLU D 28 20.59 5.88 -10.73
C GLU D 28 21.39 6.47 -9.58
N GLY D 29 20.74 7.32 -8.79
CA GLY D 29 21.39 7.94 -7.65
C GLY D 29 21.60 6.88 -6.58
N ILE D 30 20.58 6.06 -6.35
CA ILE D 30 20.65 4.99 -5.35
C ILE D 30 21.73 3.99 -5.77
N LEU D 31 21.79 3.72 -7.07
CA LEU D 31 22.79 2.81 -7.62
C LEU D 31 24.20 3.31 -7.33
N ARG D 32 24.42 4.62 -7.51
CA ARG D 32 25.72 5.20 -7.25
C ARG D 32 26.02 5.14 -5.75
N MSE D 33 25.03 5.47 -4.93
CA MSE D 33 25.18 5.45 -3.48
C MSE D 33 25.57 4.05 -3.02
O MSE D 33 26.36 3.87 -2.09
CB MSE D 33 23.89 5.88 -2.78
CG MSE D 33 23.95 5.75 -1.25
SE MSE D 33 22.40 6.50 -0.33
CE MSE D 33 21.00 5.66 -1.37
N LEU D 34 25.00 3.04 -3.68
CA LEU D 34 25.30 1.66 -3.33
C LEU D 34 26.75 1.29 -3.66
N GLU D 35 27.49 2.24 -4.22
CA GLU D 35 28.90 2.01 -4.54
C GLU D 35 29.75 2.48 -3.36
N ASP D 36 29.16 3.30 -2.49
CA ASP D 36 29.88 3.81 -1.32
C ASP D 36 29.91 2.76 -0.22
N GLU D 37 30.85 2.91 0.70
CA GLU D 37 31.02 1.96 1.81
C GLU D 37 30.08 2.17 2.98
N LYS D 38 30.03 3.39 3.50
CA LYS D 38 29.19 3.70 4.66
C LYS D 38 27.70 3.91 4.37
N VAL D 39 27.19 3.28 3.31
CA VAL D 39 25.78 3.43 2.97
C VAL D 39 24.92 2.84 4.09
N TYR D 40 23.89 3.57 4.51
CA TYR D 40 23.01 3.11 5.57
C TYR D 40 21.77 2.41 5.05
N CYS D 41 21.37 1.33 5.72
CA CYS D 41 20.19 0.58 5.31
C CYS D 41 18.96 1.47 5.21
N VAL D 42 18.72 2.28 6.25
CA VAL D 42 17.56 3.17 6.29
C VAL D 42 17.49 4.15 5.12
N ASP D 43 18.65 4.64 4.68
CA ASP D 43 18.67 5.57 3.56
C ASP D 43 18.21 4.91 2.27
N VAL D 44 18.64 3.67 2.06
CA VAL D 44 18.24 2.92 0.88
C VAL D 44 16.73 2.73 0.90
N LEU D 45 16.20 2.27 2.02
CA LEU D 45 14.77 2.04 2.14
C LEU D 45 13.98 3.31 1.88
N LYS D 46 14.41 4.43 2.46
CA LYS D 46 13.72 5.70 2.27
C LYS D 46 13.71 6.13 0.81
N GLN D 47 14.86 6.07 0.17
CA GLN D 47 14.97 6.47 -1.23
C GLN D 47 14.19 5.54 -2.15
N LEU D 48 14.13 4.26 -1.80
CA LEU D 48 13.38 3.31 -2.63
C LEU D 48 11.90 3.68 -2.54
N LYS D 49 11.47 4.04 -1.33
CA LYS D 49 10.07 4.42 -1.14
C LYS D 49 9.79 5.67 -1.96
N ALA D 50 10.79 6.54 -2.12
CA ALA D 50 10.63 7.77 -2.88
C ALA D 50 10.41 7.47 -4.36
N VAL D 51 11.18 6.51 -4.89
CA VAL D 51 11.02 6.10 -6.27
C VAL D 51 9.62 5.50 -6.43
N GLU D 52 9.21 4.70 -5.45
CA GLU D 52 7.89 4.07 -5.48
C GLU D 52 6.81 5.14 -5.52
N GLY D 53 6.94 6.14 -4.67
CA GLY D 53 5.96 7.22 -4.63
C GLY D 53 5.83 7.91 -5.97
N ALA D 54 6.94 8.05 -6.69
CA ALA D 54 6.93 8.70 -7.99
C ALA D 54 6.25 7.83 -9.05
N LEU D 55 6.43 6.52 -8.95
CA LEU D 55 5.81 5.58 -9.90
C LEU D 55 4.30 5.58 -9.69
N ASP D 56 3.87 5.64 -8.43
CA ASP D 56 2.45 5.64 -8.12
C ASP D 56 1.77 6.84 -8.78
N ARG D 57 2.46 7.98 -8.76
CA ARG D 57 1.96 9.21 -9.35
C ARG D 57 1.74 9.07 -10.85
N VAL D 58 2.65 8.38 -11.52
CA VAL D 58 2.54 8.15 -12.95
C VAL D 58 1.42 7.16 -13.21
N GLY D 59 1.28 6.18 -12.32
CA GLY D 59 0.23 5.20 -12.47
C GLY D 59 -1.13 5.88 -12.40
N GLU D 60 -1.25 6.84 -11.48
CA GLU D 60 -2.50 7.58 -11.33
C GLU D 60 -2.86 8.32 -12.60
N MSE D 61 -1.86 8.96 -13.22
CA MSE D 61 -2.07 9.70 -14.46
C MSE D 61 -2.53 8.79 -15.57
O MSE D 61 -3.39 9.15 -16.37
CB MSE D 61 -0.77 10.37 -14.91
CG MSE D 61 -0.22 11.42 -13.99
SE MSE D 61 1.34 12.22 -14.81
CE MSE D 61 0.46 13.06 -16.31
N VAL D 62 -1.92 7.61 -15.64
CA VAL D 62 -2.27 6.63 -16.65
C VAL D 62 -3.65 6.07 -16.38
N LEU D 63 -3.94 5.78 -15.11
CA LEU D 63 -5.24 5.24 -14.73
C LEU D 63 -6.31 6.28 -15.07
N ARG D 64 -6.02 7.53 -14.76
CA ARG D 64 -6.94 8.65 -15.04
C ARG D 64 -7.34 8.65 -16.51
N ALA D 65 -6.35 8.68 -17.39
CA ALA D 65 -6.59 8.70 -18.83
C ALA D 65 -7.30 7.45 -19.31
N HIS D 66 -6.97 6.30 -18.72
CA HIS D 66 -7.60 5.05 -19.11
C HIS D 66 -9.08 5.07 -18.76
N LEU D 67 -9.41 5.54 -17.56
CA LEU D 67 -10.79 5.61 -17.11
C LEU D 67 -11.62 6.61 -17.91
N LYS D 68 -11.12 7.83 -18.06
CA LYS D 68 -11.84 8.85 -18.83
C LYS D 68 -12.27 8.30 -20.17
N ASP D 69 -11.36 7.57 -20.83
CA ASP D 69 -11.65 6.98 -22.13
C ASP D 69 -12.82 6.01 -22.06
N HIS D 70 -12.68 4.96 -21.25
CA HIS D 70 -13.72 3.94 -21.10
C HIS D 70 -14.98 4.35 -20.34
N VAL D 71 -14.92 5.43 -19.57
CA VAL D 71 -16.09 5.89 -18.86
C VAL D 71 -16.99 6.65 -19.82
N ILE D 83 -12.92 -5.14 -20.05
CA ILE D 83 -12.38 -3.83 -19.70
C ILE D 83 -12.26 -3.67 -18.19
N VAL D 84 -13.23 -4.20 -17.45
CA VAL D 84 -13.22 -4.12 -15.99
C VAL D 84 -12.29 -5.16 -15.39
N GLU D 85 -12.42 -6.41 -15.85
CA GLU D 85 -11.59 -7.50 -15.35
C GLU D 85 -10.11 -7.20 -15.60
N GLU D 86 -9.80 -6.75 -16.81
CA GLU D 86 -8.43 -6.41 -17.17
C GLU D 86 -7.90 -5.28 -16.31
N LEU D 87 -8.74 -4.28 -16.06
CA LEU D 87 -8.32 -3.14 -15.24
C LEU D 87 -8.06 -3.61 -13.82
N MSE D 88 -9.03 -4.31 -13.26
CA MSE D 88 -8.91 -4.84 -11.91
C MSE D 88 -7.63 -5.66 -11.77
O MSE D 88 -6.85 -5.47 -10.83
CB MSE D 88 -10.11 -5.71 -11.57
CG MSE D 88 -11.42 -4.95 -11.44
SE MSE D 88 -11.31 -3.51 -10.13
CE MSE D 88 -10.98 -4.59 -8.57
N GLU D 89 -7.40 -6.57 -12.72
CA GLU D 89 -6.23 -7.41 -12.71
C GLU D 89 -4.95 -6.58 -12.60
N ALA D 90 -4.95 -5.42 -13.27
CA ALA D 90 -3.80 -4.53 -13.26
C ALA D 90 -3.65 -3.78 -11.95
N LEU D 91 -4.76 -3.45 -11.30
CA LEU D 91 -4.70 -2.73 -10.04
C LEU D 91 -4.28 -3.66 -8.91
N LYS D 92 -4.50 -4.95 -9.09
CA LYS D 92 -4.15 -5.96 -8.10
C LYS D 92 -2.78 -6.57 -8.43
#